data_9INX
#
_entry.id   9INX
#
_cell.length_a   46.603
_cell.length_b   62.266
_cell.length_c   88.397
_cell.angle_alpha   90.00
_cell.angle_beta   90.00
_cell.angle_gamma   90.00
#
_symmetry.space_group_name_H-M   'P 21 21 21'
#
loop_
_entity.id
_entity.type
_entity.pdbx_description
1 polymer 'Death-associated protein kinase 1'
2 non-polymer (~{E})-1-[2,4-bis(oxidanyl)phenyl]-3-(3-bromanyl-4-oxidanyl-phenyl)prop-2-en-1-one
3 non-polymer 'SULFATE ION'
4 water water
#
_entity_poly.entity_id   1
_entity_poly.type   'polypeptide(L)'
_entity_poly.pdbx_seq_one_letter_code
;MTVFRQENVDDYYDTGEELGSGQFAVVKKCREKSTGLQYAAKFIKKRRTKSSRRGVSREDIEREVSILKEIQHPNVITLH
EVYENKTDVILILELVAGGELFDFLAEKESLTEEEATEFLKQILNGVYYLHSLQIAHFDLKPENIMLLDRNVPKPRIKII
DFGLAHKIDFGNEFKNIFGTPEFVAPEIVNYEPLGLEADMWSIGVITYILLSGASPFLGDTKQETLANVSAVNYEFEDEY
FSNTSALAKDFIRRLLVKDPKKRMTIQDSLQHPWIKPKDTQQALSLEHHHHHH
;
_entity_poly.pdbx_strand_id   A
#
loop_
_chem_comp.id
_chem_comp.type
_chem_comp.name
_chem_comp.formula
A1L2W non-polymer (~{E})-1-[2,4-bis(oxidanyl)phenyl]-3-(3-bromanyl-4-oxidanyl-phenyl)prop-2-en-1-one 'C15 H11 Br O4'
SO4 non-polymer 'SULFATE ION' 'O4 S -2'
#
# COMPACT_ATOMS: atom_id res chain seq x y z
N THR A 2 24.30 -4.96 -2.08
CA THR A 2 23.94 -6.09 -2.93
C THR A 2 23.82 -5.63 -4.38
N VAL A 3 24.45 -6.35 -5.28
CA VAL A 3 24.42 -5.98 -6.69
C VAL A 3 23.40 -6.84 -7.40
N PHE A 4 22.85 -6.30 -8.48
CA PHE A 4 21.80 -6.93 -9.24
C PHE A 4 22.31 -7.23 -10.64
N ARG A 5 21.47 -7.88 -11.46
CA ARG A 5 21.87 -8.27 -12.80
C ARG A 5 22.15 -7.06 -13.68
N GLN A 6 23.34 -7.05 -14.29
CA GLN A 6 23.74 -5.89 -15.04
C GLN A 6 23.70 -6.07 -16.56
N GLU A 7 23.24 -7.21 -17.04
CA GLU A 7 22.90 -7.32 -18.46
C GLU A 7 21.74 -6.41 -18.79
N ASN A 8 21.67 -5.99 -20.06
CA ASN A 8 20.64 -5.06 -20.49
C ASN A 8 19.29 -5.75 -20.38
N VAL A 9 18.36 -5.12 -19.65
CA VAL A 9 17.05 -5.75 -19.45
C VAL A 9 16.36 -5.99 -20.77
N ASP A 10 16.60 -5.11 -21.76
CA ASP A 10 15.94 -5.22 -23.05
C ASP A 10 16.39 -6.42 -23.85
N ASP A 11 17.49 -7.06 -23.45
CA ASP A 11 17.88 -8.30 -24.09
C ASP A 11 17.08 -9.49 -23.61
N TYR A 12 16.35 -9.35 -22.51
CA TYR A 12 15.61 -10.45 -21.92
C TYR A 12 14.12 -10.21 -21.83
N TYR A 13 13.69 -8.96 -21.94
CA TYR A 13 12.28 -8.58 -21.85
C TYR A 13 11.95 -7.59 -22.94
N ASP A 14 10.69 -7.63 -23.37
CA ASP A 14 10.10 -6.59 -24.19
C ASP A 14 9.06 -5.86 -23.35
N THR A 15 9.04 -4.54 -23.43
CA THR A 15 8.10 -3.76 -22.65
C THR A 15 6.91 -3.32 -23.49
N GLY A 16 5.80 -3.07 -22.82
CA GLY A 16 4.59 -2.64 -23.48
C GLY A 16 3.92 -1.45 -22.83
N GLU A 17 2.64 -1.62 -22.52
CA GLU A 17 1.84 -0.54 -21.97
C GLU A 17 2.44 -0.05 -20.65
N GLU A 18 2.37 1.25 -20.43
CA GLU A 18 2.77 1.77 -19.14
C GLU A 18 1.64 1.58 -18.14
N LEU A 19 1.99 1.09 -16.95
CA LEU A 19 1.00 0.82 -15.92
C LEU A 19 0.91 1.89 -14.86
N GLY A 20 1.91 2.74 -14.74
CA GLY A 20 1.88 3.73 -13.68
C GLY A 20 3.19 4.50 -13.60
N SER A 21 3.15 5.66 -12.94
CA SER A 21 4.23 6.64 -13.08
C SER A 21 4.27 7.49 -11.83
N GLY A 22 5.44 7.60 -11.21
CA GLY A 22 5.55 8.38 -9.98
C GLY A 22 6.68 9.39 -10.05
N GLN A 23 7.06 9.92 -8.89
CA GLN A 23 8.15 10.90 -8.86
C GLN A 23 9.48 10.26 -9.26
N PHE A 24 9.79 9.08 -8.72
CA PHE A 24 11.07 8.46 -9.02
C PHE A 24 11.00 7.08 -9.65
N ALA A 25 9.83 6.65 -10.15
CA ALA A 25 9.70 5.32 -10.74
C ALA A 25 8.65 5.35 -11.83
N VAL A 26 8.78 4.44 -12.79
CA VAL A 26 7.74 4.19 -13.79
C VAL A 26 7.60 2.69 -13.92
N VAL A 27 6.36 2.23 -14.11
CA VAL A 27 6.09 0.81 -14.20
C VAL A 27 5.54 0.52 -15.58
N LYS A 28 6.13 -0.46 -16.27
CA LYS A 28 5.72 -0.82 -17.62
C LYS A 28 5.41 -2.30 -17.67
N LYS A 29 4.32 -2.66 -18.34
CA LYS A 29 4.08 -4.07 -18.63
C LYS A 29 5.25 -4.63 -19.44
N CYS A 30 5.61 -5.89 -19.20
CA CYS A 30 6.70 -6.46 -19.97
C CYS A 30 6.46 -7.96 -20.19
N ARG A 31 7.26 -8.52 -21.09
CA ARG A 31 7.15 -9.94 -21.40
C ARG A 31 8.55 -10.53 -21.45
N GLU A 32 8.77 -11.61 -20.71
CA GLU A 32 10.07 -12.27 -20.72
C GLU A 32 10.23 -13.04 -22.02
N LYS A 33 11.34 -12.80 -22.73
CA LYS A 33 11.52 -13.42 -24.03
C LYS A 33 11.62 -14.94 -23.95
N SER A 34 12.25 -15.46 -22.90
CA SER A 34 12.51 -16.90 -22.86
C SER A 34 11.29 -17.72 -22.43
N THR A 35 10.27 -17.11 -21.84
CA THR A 35 9.13 -17.88 -21.34
C THR A 35 7.78 -17.41 -21.86
N GLY A 36 7.70 -16.22 -22.47
CA GLY A 36 6.45 -15.60 -22.81
C GLY A 36 5.64 -15.11 -21.63
N LEU A 37 6.15 -15.28 -20.41
CA LEU A 37 5.41 -14.87 -19.22
C LEU A 37 5.49 -13.35 -19.08
N GLN A 38 4.40 -12.78 -18.57
CA GLN A 38 4.23 -11.33 -18.45
C GLN A 38 4.39 -10.88 -17.00
N TYR A 39 4.98 -9.69 -16.85
CA TYR A 39 5.37 -9.11 -15.58
C TYR A 39 5.17 -7.60 -15.66
N ALA A 40 5.40 -6.94 -14.53
CA ALA A 40 5.45 -5.49 -14.46
C ALA A 40 6.87 -5.07 -14.11
N ALA A 41 7.48 -4.26 -14.96
CA ALA A 41 8.84 -3.80 -14.72
C ALA A 41 8.79 -2.42 -14.07
N LYS A 42 9.28 -2.31 -12.82
CA LYS A 42 9.35 -1.03 -12.12
C LYS A 42 10.76 -0.47 -12.26
N PHE A 43 10.89 0.64 -12.98
CA PHE A 43 12.19 1.29 -13.20
C PHE A 43 12.33 2.36 -12.12
N ILE A 44 13.25 2.18 -11.20
CA ILE A 44 13.50 3.14 -10.12
C ILE A 44 14.75 3.95 -10.46
N LYS A 45 14.60 5.28 -10.47
CA LYS A 45 15.73 6.16 -10.77
C LYS A 45 16.69 6.20 -9.59
N LYS A 46 17.97 5.91 -9.87
CA LYS A 46 19.00 5.94 -8.85
C LYS A 46 19.40 7.38 -8.55
N ARG A 47 19.88 7.59 -7.33
CA ARG A 47 20.56 8.83 -6.99
C ARG A 47 21.91 8.89 -7.69
N ARG A 48 22.24 10.07 -8.24
CA ARG A 48 23.46 10.25 -9.01
C ARG A 48 24.62 10.83 -8.20
N THR A 49 24.35 11.42 -7.04
CA THR A 49 25.41 11.82 -6.12
C THR A 49 24.96 11.48 -4.70
N LYS A 50 25.88 11.63 -3.74
CA LYS A 50 25.53 11.34 -2.35
C LYS A 50 24.48 12.29 -1.84
N SER A 51 24.73 13.60 -1.95
CA SER A 51 23.91 14.62 -1.33
C SER A 51 22.63 14.92 -2.10
N SER A 52 22.42 14.31 -3.26
CA SER A 52 21.31 14.70 -4.10
C SER A 52 19.96 14.32 -3.48
N ARG A 53 18.93 15.03 -3.91
CA ARG A 53 17.54 14.76 -3.54
C ARG A 53 16.75 14.11 -4.67
N ARG A 54 17.29 14.07 -5.89
CA ARG A 54 16.63 13.37 -6.96
C ARG A 54 17.01 11.90 -6.88
N GLY A 55 16.13 11.04 -7.36
CA GLY A 55 16.39 9.62 -7.34
C GLY A 55 16.22 9.01 -5.97
N VAL A 56 16.32 7.69 -5.93
CA VAL A 56 16.15 6.92 -4.72
C VAL A 56 17.52 6.42 -4.25
N SER A 57 17.79 6.56 -2.95
CA SER A 57 19.09 6.16 -2.43
C SER A 57 19.27 4.66 -2.54
N ARG A 58 20.51 4.22 -2.73
CA ARG A 58 20.71 2.77 -2.82
C ARG A 58 20.25 2.04 -1.58
N GLU A 59 20.40 2.66 -0.39
CA GLU A 59 19.91 2.03 0.83
C GLU A 59 18.41 1.79 0.76
N ASP A 60 17.66 2.78 0.26
CA ASP A 60 16.21 2.61 0.15
C ASP A 60 15.84 1.54 -0.88
N ILE A 61 16.55 1.49 -2.00
CA ILE A 61 16.25 0.49 -3.03
C ILE A 61 16.53 -0.90 -2.49
N GLU A 62 17.69 -1.08 -1.83
CA GLU A 62 18.03 -2.39 -1.33
C GLU A 62 17.04 -2.86 -0.26
N ARG A 63 16.56 -1.93 0.56
CA ARG A 63 15.55 -2.28 1.57
C ARG A 63 14.29 -2.82 0.90
N GLU A 64 13.79 -2.13 -0.15
CA GLU A 64 12.59 -2.60 -0.83
C GLU A 64 12.80 -3.97 -1.46
N VAL A 65 13.95 -4.17 -2.11
CA VAL A 65 14.22 -5.46 -2.71
C VAL A 65 14.29 -6.54 -1.65
N SER A 66 14.95 -6.26 -0.53
CA SER A 66 15.12 -7.32 0.46
C SER A 66 13.78 -7.71 1.06
N ILE A 67 12.88 -6.74 1.23
CA ILE A 67 11.52 -7.06 1.68
C ILE A 67 10.78 -7.86 0.64
N LEU A 68 10.80 -7.41 -0.63
CA LEU A 68 10.09 -8.16 -1.67
C LEU A 68 10.59 -9.59 -1.76
N LYS A 69 11.89 -9.80 -1.57
CA LYS A 69 12.43 -11.15 -1.66
C LYS A 69 11.89 -12.09 -0.59
N GLU A 70 11.44 -11.55 0.57
CA GLU A 70 10.98 -12.40 1.67
C GLU A 70 9.53 -12.86 1.48
N ILE A 71 8.73 -12.11 0.76
CA ILE A 71 7.28 -12.28 0.84
C ILE A 71 6.79 -13.23 -0.26
N GLN A 72 5.86 -14.10 0.11
CA GLN A 72 5.13 -14.89 -0.88
C GLN A 72 3.76 -15.19 -0.29
N HIS A 73 2.73 -14.53 -0.82
CA HIS A 73 1.40 -14.67 -0.26
C HIS A 73 0.42 -14.26 -1.33
N PRO A 74 -0.77 -14.87 -1.40
CA PRO A 74 -1.69 -14.55 -2.49
C PRO A 74 -2.07 -13.07 -2.57
N ASN A 75 -1.99 -12.33 -1.49
CA ASN A 75 -2.47 -10.95 -1.49
C ASN A 75 -1.34 -9.93 -1.51
N VAL A 76 -0.13 -10.35 -1.84
CA VAL A 76 1.00 -9.43 -1.99
C VAL A 76 1.73 -9.75 -3.27
N ILE A 77 2.27 -8.70 -3.90
CA ILE A 77 3.00 -8.89 -5.14
C ILE A 77 4.26 -9.73 -4.91
N THR A 78 4.62 -10.52 -5.92
CA THR A 78 5.82 -11.37 -5.87
C THR A 78 6.90 -10.76 -6.77
N LEU A 79 8.14 -10.81 -6.31
CA LEU A 79 9.26 -10.30 -7.10
C LEU A 79 9.86 -11.45 -7.89
N HIS A 80 10.15 -11.17 -9.17
CA HIS A 80 10.70 -12.17 -10.06
C HIS A 80 12.20 -12.05 -10.27
N GLU A 81 12.70 -10.84 -10.56
CA GLU A 81 14.10 -10.63 -10.90
C GLU A 81 14.42 -9.19 -10.63
N VAL A 82 15.71 -8.87 -10.45
CA VAL A 82 16.13 -7.48 -10.36
C VAL A 82 17.31 -7.23 -11.29
N TYR A 83 17.22 -6.18 -12.10
CA TYR A 83 18.32 -5.72 -12.97
C TYR A 83 18.76 -4.33 -12.55
N GLU A 84 19.94 -3.92 -13.00
CA GLU A 84 20.30 -2.52 -12.74
C GLU A 84 21.25 -2.05 -13.81
N ASN A 85 21.32 -0.73 -13.96
CA ASN A 85 22.33 -0.10 -14.79
C ASN A 85 22.70 1.22 -14.09
N LYS A 86 23.44 2.09 -14.79
CA LYS A 86 23.93 3.28 -14.12
C LYS A 86 22.80 4.21 -13.71
N THR A 87 21.68 4.15 -14.43
CA THR A 87 20.56 5.07 -14.23
C THR A 87 19.47 4.52 -13.34
N ASP A 88 19.20 3.21 -13.40
CA ASP A 88 17.98 2.68 -12.80
C ASP A 88 18.25 1.32 -12.19
N VAL A 89 17.45 0.97 -11.18
CA VAL A 89 17.24 -0.41 -10.76
C VAL A 89 15.88 -0.79 -11.33
N ILE A 90 15.80 -1.99 -11.89
CA ILE A 90 14.59 -2.43 -12.58
C ILE A 90 14.11 -3.68 -11.88
N LEU A 91 12.97 -3.56 -11.17
CA LEU A 91 12.39 -4.72 -10.50
C LEU A 91 11.39 -5.37 -11.45
N ILE A 92 11.56 -6.66 -11.70
CA ILE A 92 10.61 -7.41 -12.51
C ILE A 92 9.65 -8.04 -11.51
N LEU A 93 8.40 -7.54 -11.51
CA LEU A 93 7.42 -7.86 -10.49
C LEU A 93 6.22 -8.59 -11.10
N GLU A 94 5.49 -9.30 -10.23
CA GLU A 94 4.26 -9.95 -10.69
C GLU A 94 3.33 -8.93 -11.34
N LEU A 95 2.72 -9.31 -12.47
CA LEU A 95 1.82 -8.42 -13.19
C LEU A 95 0.43 -8.52 -12.56
N VAL A 96 -0.09 -7.38 -12.14
CA VAL A 96 -1.44 -7.27 -11.62
C VAL A 96 -2.16 -6.27 -12.50
N ALA A 97 -3.08 -6.76 -13.33
CA ALA A 97 -3.55 -5.99 -14.48
C ALA A 97 -5.00 -5.54 -14.38
N GLY A 98 -5.67 -5.78 -13.24
CA GLY A 98 -7.08 -5.39 -13.09
C GLY A 98 -7.34 -3.96 -12.68
N GLY A 99 -6.31 -3.19 -12.39
CA GLY A 99 -6.47 -1.79 -12.05
C GLY A 99 -6.59 -1.58 -10.55
N GLU A 100 -6.60 -0.30 -10.18
CA GLU A 100 -6.59 0.08 -8.78
C GLU A 100 -7.95 -0.14 -8.15
N LEU A 101 -7.91 -0.47 -6.85
CA LEU A 101 -9.11 -0.33 -6.03
C LEU A 101 -9.65 1.08 -6.11
N PHE A 102 -8.76 2.07 -6.23
CA PHE A 102 -9.15 3.47 -6.33
C PHE A 102 -9.99 3.72 -7.57
N ASP A 103 -9.51 3.27 -8.74
CA ASP A 103 -10.23 3.52 -9.99
C ASP A 103 -11.50 2.68 -10.08
N PHE A 104 -11.44 1.42 -9.62
CA PHE A 104 -12.63 0.59 -9.51
C PHE A 104 -13.67 1.24 -8.59
N LEU A 105 -13.21 1.92 -7.54
CA LEU A 105 -14.12 2.65 -6.67
C LEU A 105 -14.86 3.74 -7.43
N ALA A 106 -14.13 4.50 -8.26
CA ALA A 106 -14.75 5.59 -9.01
C ALA A 106 -15.84 5.11 -9.96
N GLU A 107 -15.84 3.83 -10.33
CA GLU A 107 -16.89 3.31 -11.20
C GLU A 107 -18.24 3.28 -10.49
N LYS A 108 -18.23 2.96 -9.20
CA LYS A 108 -19.46 2.92 -8.42
C LYS A 108 -19.34 3.83 -7.19
N SER A 110 -19.83 4.12 -3.99
CA SER A 110 -19.58 3.44 -2.72
C SER A 110 -19.92 1.97 -2.86
N LEU A 111 -19.29 1.14 -2.03
CA LEU A 111 -19.54 -0.29 -2.01
C LEU A 111 -20.54 -0.63 -0.90
N THR A 112 -21.31 -1.69 -1.13
CA THR A 112 -22.06 -2.31 -0.04
C THR A 112 -21.09 -2.84 1.02
N GLU A 113 -21.62 -3.14 2.23
CA GLU A 113 -20.73 -3.68 3.24
C GLU A 113 -20.18 -5.04 2.84
N GLU A 114 -20.97 -5.85 2.13
CA GLU A 114 -20.44 -7.13 1.69
C GLU A 114 -19.33 -6.96 0.68
N GLU A 115 -19.51 -6.07 -0.31
CA GLU A 115 -18.45 -5.85 -1.30
C GLU A 115 -17.21 -5.29 -0.62
N ALA A 116 -17.41 -4.34 0.30
CA ALA A 116 -16.29 -3.77 1.03
C ALA A 116 -15.57 -4.83 1.86
N THR A 117 -16.31 -5.62 2.65
CA THR A 117 -15.63 -6.60 3.50
C THR A 117 -14.94 -7.68 2.67
N GLU A 118 -15.46 -7.99 1.48
CA GLU A 118 -14.80 -8.98 0.64
C GLU A 118 -13.43 -8.51 0.21
N PHE A 119 -13.31 -7.21 -0.13
CA PHE A 119 -12.00 -6.63 -0.41
C PHE A 119 -11.20 -6.53 0.87
N LEU A 120 -11.83 -5.95 1.90
CA LEU A 120 -11.11 -5.68 3.14
C LEU A 120 -10.54 -6.96 3.73
N LYS A 121 -11.28 -8.07 3.65
CA LYS A 121 -10.75 -9.31 4.21
C LYS A 121 -9.48 -9.73 3.51
N GLN A 122 -9.39 -9.50 2.18
CA GLN A 122 -8.14 -9.82 1.49
C GLN A 122 -7.03 -8.87 1.88
N ILE A 123 -7.35 -7.58 2.05
CA ILE A 123 -6.33 -6.65 2.54
C ILE A 123 -5.84 -7.10 3.91
N LEU A 124 -6.78 -7.41 4.82
CA LEU A 124 -6.39 -7.83 6.16
C LEU A 124 -5.54 -9.09 6.13
N ASN A 125 -5.86 -10.03 5.25
CA ASN A 125 -5.06 -11.24 5.17
C ASN A 125 -3.64 -10.96 4.70
N GLY A 126 -3.49 -10.04 3.74
CA GLY A 126 -2.14 -9.69 3.29
C GLY A 126 -1.36 -8.95 4.36
N VAL A 127 -2.02 -8.02 5.06
CA VAL A 127 -1.36 -7.30 6.13
C VAL A 127 -1.06 -8.22 7.30
N TYR A 128 -1.93 -9.21 7.57
CA TYR A 128 -1.64 -10.17 8.62
C TYR A 128 -0.35 -10.92 8.32
N TYR A 129 -0.17 -11.34 7.07
CA TYR A 129 1.05 -12.01 6.64
C TYR A 129 2.26 -11.10 6.85
N LEU A 130 2.18 -9.85 6.37
CA LEU A 130 3.30 -8.93 6.51
C LEU A 130 3.64 -8.66 7.97
N HIS A 131 2.62 -8.29 8.75
CA HIS A 131 2.87 -8.00 10.16
C HIS A 131 3.39 -9.22 10.89
N SER A 132 2.94 -10.42 10.50
CA SER A 132 3.50 -11.64 11.07
C SER A 132 5.01 -11.72 10.83
N LEU A 133 5.48 -11.21 9.70
CA LEU A 133 6.91 -11.14 9.42
C LEU A 133 7.56 -9.89 9.97
N GLN A 134 6.82 -9.09 10.77
CA GLN A 134 7.30 -7.82 11.30
C GLN A 134 7.63 -6.83 10.18
N ILE A 135 6.88 -6.85 9.07
CA ILE A 135 7.04 -5.89 7.99
C ILE A 135 5.89 -4.88 8.10
N ALA A 136 6.24 -3.62 8.31
CA ALA A 136 5.30 -2.52 8.16
C ALA A 136 5.32 -2.02 6.72
N HIS A 137 4.13 -1.87 6.13
CA HIS A 137 4.05 -1.43 4.73
C HIS A 137 4.29 0.07 4.62
N PHE A 138 3.63 0.86 5.47
CA PHE A 138 3.78 2.31 5.62
C PHE A 138 3.23 3.11 4.44
N ASP A 139 2.56 2.46 3.50
CA ASP A 139 2.02 3.20 2.36
C ASP A 139 0.72 2.59 1.87
N LEU A 140 -0.10 2.06 2.78
CA LEU A 140 -1.37 1.45 2.38
C LEU A 140 -2.35 2.54 1.98
N LYS A 141 -2.87 2.42 0.77
CA LYS A 141 -3.84 3.38 0.24
C LYS A 141 -4.44 2.77 -1.01
N PRO A 142 -5.62 3.22 -1.44
CA PRO A 142 -6.27 2.58 -2.60
C PRO A 142 -5.38 2.47 -3.82
N GLU A 143 -4.51 3.45 -4.05
CA GLU A 143 -3.58 3.39 -5.18
C GLU A 143 -2.68 2.15 -5.12
N ASN A 144 -2.36 1.66 -3.93
CA ASN A 144 -1.44 0.54 -3.77
C ASN A 144 -2.14 -0.80 -3.59
N ILE A 145 -3.43 -0.86 -3.89
CA ILE A 145 -4.22 -2.09 -3.78
C ILE A 145 -4.82 -2.32 -5.16
N MET A 146 -4.35 -3.36 -5.84
CA MET A 146 -4.80 -3.59 -7.21
C MET A 146 -5.42 -4.98 -7.37
N LEU A 147 -6.28 -5.10 -8.37
CA LEU A 147 -7.06 -6.31 -8.58
C LEU A 147 -6.41 -7.15 -9.67
N LEU A 148 -6.52 -8.46 -9.51
CA LEU A 148 -6.08 -9.39 -10.56
C LEU A 148 -7.03 -9.36 -11.76
N ASP A 149 -8.35 -9.33 -11.51
CA ASP A 149 -9.33 -9.25 -12.60
C ASP A 149 -10.50 -8.45 -12.10
N ARG A 150 -10.82 -7.34 -12.78
CA ARG A 150 -11.89 -6.46 -12.33
C ARG A 150 -13.25 -6.83 -12.91
N ASN A 151 -13.34 -7.90 -13.69
CA ASN A 151 -14.59 -8.32 -14.32
C ASN A 151 -15.18 -9.57 -13.69
N VAL A 152 -14.98 -9.76 -12.39
CA VAL A 152 -15.58 -10.87 -11.65
C VAL A 152 -16.33 -10.26 -10.48
N PRO A 153 -17.34 -10.97 -9.95
CA PRO A 153 -18.12 -10.39 -8.85
C PRO A 153 -17.31 -10.16 -7.58
N LYS A 154 -16.30 -10.99 -7.33
CA LYS A 154 -15.43 -10.89 -6.14
C LYS A 154 -13.99 -10.90 -6.61
N PRO A 155 -13.45 -9.75 -7.00
CA PRO A 155 -12.07 -9.70 -7.49
C PRO A 155 -11.06 -9.99 -6.38
N ARG A 156 -9.92 -10.55 -6.78
CA ARG A 156 -8.82 -10.85 -5.86
C ARG A 156 -7.81 -9.72 -5.90
N ILE A 157 -7.34 -9.30 -4.73
CA ILE A 157 -6.51 -8.10 -4.69
C ILE A 157 -5.09 -8.47 -4.30
N LYS A 158 -4.18 -7.56 -4.65
CA LYS A 158 -2.80 -7.70 -4.22
C LYS A 158 -2.29 -6.34 -3.79
N ILE A 159 -1.55 -6.34 -2.69
CA ILE A 159 -0.89 -5.13 -2.22
C ILE A 159 0.37 -4.96 -3.03
N ILE A 160 0.54 -3.77 -3.59
CA ILE A 160 1.75 -3.47 -4.34
C ILE A 160 2.52 -2.36 -3.63
N ASP A 161 3.66 -2.02 -4.20
CA ASP A 161 4.44 -0.85 -3.85
C ASP A 161 5.02 -0.92 -2.44
N PHE A 162 6.14 -1.63 -2.32
CA PHE A 162 6.83 -1.77 -1.05
C PHE A 162 7.94 -0.76 -0.89
N GLY A 163 7.79 0.40 -1.52
CA GLY A 163 8.83 1.43 -1.52
C GLY A 163 9.03 2.12 -0.18
N LEU A 164 8.04 2.12 0.71
CA LEU A 164 8.23 2.64 2.06
C LEU A 164 8.30 1.55 3.12
N ALA A 165 8.16 0.29 2.76
CA ALA A 165 8.07 -0.77 3.75
C ALA A 165 9.37 -0.93 4.54
N HIS A 166 9.24 -1.26 5.82
CA HIS A 166 10.39 -1.47 6.70
C HIS A 166 10.16 -2.70 7.56
N LYS A 167 11.25 -3.41 7.85
CA LYS A 167 11.23 -4.45 8.88
C LYS A 167 11.23 -3.77 10.26
N ILE A 168 10.40 -4.26 11.16
CA ILE A 168 10.26 -3.64 12.47
C ILE A 168 10.78 -4.64 13.51
N ASP A 169 12.11 -4.79 13.62
CA ASP A 169 12.70 -5.79 14.53
C ASP A 169 12.67 -5.39 16.00
N PHE A 170 12.52 -4.11 16.30
CA PHE A 170 12.47 -3.60 17.67
C PHE A 170 11.09 -3.03 18.02
N GLY A 171 10.06 -3.43 17.28
CA GLY A 171 8.73 -2.90 17.56
C GLY A 171 8.48 -1.48 17.10
N ASN A 172 9.53 -0.69 16.81
CA ASN A 172 9.33 0.60 16.18
C ASN A 172 10.58 0.97 15.40
N GLU A 173 10.41 1.85 14.40
CA GLU A 173 11.50 2.43 13.63
C GLU A 173 11.38 3.95 13.69
N PHE A 174 12.51 4.65 13.75
CA PHE A 174 12.46 6.12 13.89
C PHE A 174 13.05 6.67 12.59
N LYS A 175 12.16 6.89 11.63
CA LYS A 175 12.49 7.43 10.32
C LYS A 175 11.31 8.29 9.89
N ASN A 176 11.56 9.17 8.92
CA ASN A 176 10.48 9.94 8.33
C ASN A 176 9.81 9.11 7.25
N ILE A 177 8.47 9.10 7.22
CA ILE A 177 7.73 8.39 6.18
C ILE A 177 6.93 9.46 5.48
N PHE A 178 7.39 9.85 4.30
CA PHE A 178 6.62 10.81 3.53
C PHE A 178 5.65 10.01 2.68
N GLY A 179 4.56 9.60 3.35
CA GLY A 179 3.43 9.00 2.68
C GLY A 179 2.40 10.05 2.30
N THR A 180 1.23 9.57 1.89
CA THR A 180 0.18 10.46 1.38
C THR A 180 -0.65 10.98 2.55
N PRO A 181 -0.78 12.30 2.72
CA PRO A 181 -1.41 12.85 3.94
C PRO A 181 -2.75 12.23 4.29
N GLU A 182 -3.60 11.95 3.31
CA GLU A 182 -4.94 11.45 3.64
C GLU A 182 -4.92 10.10 4.34
N PHE A 183 -3.82 9.31 4.18
CA PHE A 183 -3.76 7.95 4.69
C PHE A 183 -2.72 7.70 5.79
N VAL A 184 -1.91 8.67 6.15
CA VAL A 184 -0.87 8.40 7.15
C VAL A 184 -1.44 8.60 8.55
N ALA A 185 -0.88 7.85 9.49
CA ALA A 185 -1.33 7.88 10.87
C ALA A 185 -0.77 9.09 11.59
N PRO A 186 -1.38 9.49 12.70
CA PRO A 186 -0.86 10.65 13.44
C PRO A 186 0.60 10.52 13.81
N GLU A 187 1.12 9.32 14.12
CA GLU A 187 2.52 9.25 14.50
C GLU A 187 3.44 9.60 13.32
N ILE A 188 2.98 9.35 12.09
CA ILE A 188 3.77 9.76 10.93
C ILE A 188 3.72 11.28 10.79
N VAL A 189 2.52 11.85 10.94
CA VAL A 189 2.38 13.30 10.84
C VAL A 189 3.25 14.01 11.86
N ASN A 190 3.35 13.43 13.07
CA ASN A 190 4.07 14.03 14.18
C ASN A 190 5.53 13.58 14.26
N TYR A 191 6.02 12.83 13.30
CA TYR A 191 7.43 12.42 13.28
C TYR A 191 7.82 11.60 14.49
N GLU A 192 6.92 10.74 14.93
CA GLU A 192 7.13 9.86 16.09
C GLU A 192 7.69 8.52 15.64
N PRO A 193 8.15 7.71 16.58
CA PRO A 193 8.50 6.32 16.27
C PRO A 193 7.31 5.59 15.68
N LEU A 194 7.58 4.73 14.70
CA LEU A 194 6.56 4.13 13.86
C LEU A 194 6.66 2.61 13.94
N GLY A 195 5.50 1.96 14.02
CA GLY A 195 5.50 0.51 13.99
C GLY A 195 4.38 -0.04 13.13
N LEU A 196 4.00 -1.29 13.39
CA LEU A 196 2.94 -1.92 12.60
C LEU A 196 1.61 -1.20 12.77
N GLU A 197 1.44 -0.45 13.86
CA GLU A 197 0.16 0.20 14.14
C GLU A 197 -0.19 1.21 13.07
N ALA A 198 0.81 1.83 12.44
CA ALA A 198 0.49 2.85 11.45
C ALA A 198 -0.30 2.27 10.29
N ASP A 199 0.02 1.03 9.91
CA ASP A 199 -0.76 0.39 8.84
C ASP A 199 -2.20 0.18 9.26
N MET A 200 -2.45 -0.08 10.55
CA MET A 200 -3.84 -0.33 10.96
C MET A 200 -4.67 0.95 10.86
N TRP A 201 -4.06 2.09 11.18
CA TRP A 201 -4.76 3.35 10.93
C TRP A 201 -5.12 3.49 9.45
N SER A 202 -4.14 3.22 8.56
CA SER A 202 -4.43 3.37 7.13
C SER A 202 -5.58 2.46 6.69
N ILE A 203 -5.67 1.26 7.25
CA ILE A 203 -6.78 0.37 6.92
C ILE A 203 -8.10 0.99 7.34
N GLY A 204 -8.11 1.65 8.50
CA GLY A 204 -9.30 2.37 8.96
C GLY A 204 -9.73 3.43 7.97
N VAL A 205 -8.75 4.17 7.40
CA VAL A 205 -9.09 5.20 6.41
C VAL A 205 -9.65 4.55 5.15
N ILE A 206 -8.96 3.50 4.68
CA ILE A 206 -9.42 2.77 3.51
C ILE A 206 -10.83 2.27 3.71
N THR A 207 -11.12 1.72 4.89
CA THR A 207 -12.47 1.19 5.13
C THR A 207 -13.53 2.30 5.09
N TYR A 208 -13.23 3.45 5.69
CA TYR A 208 -14.15 4.58 5.63
C TYR A 208 -14.47 4.95 4.18
N ILE A 209 -13.45 5.00 3.32
CA ILE A 209 -13.62 5.38 1.92
C ILE A 209 -14.39 4.29 1.18
N LEU A 210 -14.10 3.03 1.47
CA LEU A 210 -14.79 1.94 0.78
C LEU A 210 -16.29 2.01 1.02
N LEU A 211 -16.69 2.36 2.24
CA LEU A 211 -18.10 2.34 2.58
C LEU A 211 -18.85 3.59 2.16
N SER A 212 -18.16 4.73 1.97
CA SER A 212 -18.83 6.00 1.82
C SER A 212 -18.48 6.74 0.55
N GLY A 213 -17.35 6.43 -0.08
CA GLY A 213 -16.87 7.20 -1.19
C GLY A 213 -16.20 8.50 -0.81
N ALA A 214 -16.00 8.76 0.49
CA ALA A 214 -15.47 10.04 0.95
C ALA A 214 -14.26 9.80 1.85
N SER A 215 -13.33 10.75 1.83
CA SER A 215 -12.07 10.61 2.58
C SER A 215 -12.20 11.31 3.93
N PRO A 216 -11.91 10.62 5.06
CA PRO A 216 -12.35 11.16 6.36
C PRO A 216 -11.58 12.37 6.83
N PHE A 217 -10.34 12.56 6.41
CA PHE A 217 -9.51 13.65 6.92
C PHE A 217 -9.17 14.68 5.84
N LEU A 218 -9.65 14.49 4.62
CA LEU A 218 -9.19 15.32 3.51
C LEU A 218 -9.54 16.78 3.72
N GLY A 219 -8.53 17.63 3.68
CA GLY A 219 -8.72 19.07 3.70
C GLY A 219 -8.51 19.67 2.33
N ASP A 220 -8.53 21.02 2.29
CA ASP A 220 -8.31 21.72 1.03
C ASP A 220 -6.84 21.83 0.68
N THR A 221 -5.95 21.65 1.65
CA THR A 221 -4.51 21.68 1.40
C THR A 221 -3.89 20.53 2.18
N LYS A 222 -2.65 20.19 1.82
CA LYS A 222 -2.00 19.07 2.50
C LYS A 222 -1.81 19.36 3.98
N GLN A 223 -1.52 20.63 4.34
CA GLN A 223 -1.34 20.95 5.75
C GLN A 223 -2.64 20.78 6.53
N GLU A 224 -3.77 21.16 5.92
CA GLU A 224 -5.04 20.93 6.59
C GLU A 224 -5.27 19.44 6.79
N THR A 225 -4.98 18.64 5.77
CA THR A 225 -5.20 17.19 5.92
C THR A 225 -4.34 16.63 7.06
N LEU A 226 -3.09 17.04 7.10
CA LEU A 226 -2.19 16.57 8.15
C LEU A 226 -2.64 17.08 9.52
N ALA A 227 -3.13 18.32 9.60
CA ALA A 227 -3.63 18.80 10.89
C ALA A 227 -4.86 18.01 11.32
N ASN A 228 -5.74 17.67 10.38
CA ASN A 228 -6.94 16.90 10.71
C ASN A 228 -6.57 15.50 11.21
N VAL A 229 -5.64 14.85 10.53
CA VAL A 229 -5.16 13.52 10.96
C VAL A 229 -4.65 13.57 12.39
N SER A 230 -3.79 14.56 12.70
CA SER A 230 -3.18 14.59 14.03
C SER A 230 -4.21 14.82 15.11
N ALA A 231 -5.23 15.61 14.82
CA ALA A 231 -6.27 15.90 15.80
C ALA A 231 -7.36 14.86 15.81
N VAL A 232 -7.28 13.87 14.92
CA VAL A 232 -8.33 12.86 14.71
C VAL A 232 -9.66 13.54 14.44
N ASN A 233 -9.63 14.48 13.51
CA ASN A 233 -10.78 15.31 13.17
C ASN A 233 -11.50 14.64 12.00
N TYR A 234 -12.37 13.67 12.32
CA TYR A 234 -13.25 13.06 11.33
C TYR A 234 -14.56 12.70 12.02
N GLU A 235 -15.59 12.51 11.21
CA GLU A 235 -16.88 12.05 11.69
C GLU A 235 -17.57 11.24 10.60
N PHE A 236 -18.57 10.46 10.99
CA PHE A 236 -19.35 9.73 10.01
C PHE A 236 -20.49 10.64 9.55
N GLU A 237 -20.48 11.06 8.30
CA GLU A 237 -21.56 11.94 7.81
C GLU A 237 -22.80 11.10 7.53
N ASP A 238 -23.92 11.45 8.17
CA ASP A 238 -25.14 10.70 7.97
C ASP A 238 -25.49 10.56 6.48
N GLU A 239 -25.24 11.60 5.68
CA GLU A 239 -25.59 11.52 4.27
C GLU A 239 -24.92 10.34 3.58
N TYR A 240 -23.75 9.95 4.07
CA TYR A 240 -22.99 8.86 3.46
C TYR A 240 -23.13 7.56 4.24
N PHE A 241 -23.42 7.62 5.53
CA PHE A 241 -23.35 6.44 6.38
C PHE A 241 -24.70 5.99 6.90
N SER A 242 -25.81 6.59 6.43
CA SER A 242 -27.09 6.40 7.10
C SER A 242 -27.58 4.96 7.02
N ASN A 243 -27.19 4.20 6.00
CA ASN A 243 -27.54 2.79 5.94
C ASN A 243 -26.34 1.87 6.18
N THR A 244 -25.27 2.39 6.76
CA THR A 244 -24.12 1.58 7.12
C THR A 244 -24.30 1.08 8.55
N SER A 245 -23.95 -0.18 8.82
CA SER A 245 -24.25 -0.74 10.12
C SER A 245 -23.41 -0.09 11.22
N ALA A 246 -23.92 -0.14 12.45
CA ALA A 246 -23.14 0.41 13.57
C ALA A 246 -21.84 -0.36 13.76
N LEU A 247 -21.86 -1.66 13.45
CA LEU A 247 -20.66 -2.47 13.68
C LEU A 247 -19.56 -2.12 12.69
N ALA A 248 -19.93 -1.77 11.45
CA ALA A 248 -18.93 -1.26 10.51
C ALA A 248 -18.33 0.04 11.02
N LYS A 249 -19.16 0.95 11.53
CA LYS A 249 -18.63 2.17 12.14
C LYS A 249 -17.75 1.86 13.35
N ASP A 250 -18.14 0.87 14.16
CA ASP A 250 -17.32 0.48 15.31
C ASP A 250 -15.94 0.00 14.88
N PHE A 251 -15.86 -0.78 13.81
CA PHE A 251 -14.57 -1.26 13.29
C PHE A 251 -13.68 -0.09 12.94
N ILE A 252 -14.23 0.85 12.17
CA ILE A 252 -13.45 2.04 11.79
C ILE A 252 -13.03 2.82 13.02
N ARG A 253 -13.95 3.06 13.97
CA ARG A 253 -13.63 3.88 15.12
C ARG A 253 -12.51 3.29 15.97
N ARG A 254 -12.36 1.96 15.99
CA ARG A 254 -11.30 1.33 16.76
C ARG A 254 -9.98 1.30 16.03
N LEU A 255 -9.98 1.70 14.77
CA LEU A 255 -8.73 1.84 14.02
C LEU A 255 -8.26 3.29 13.96
N LEU A 256 -9.19 4.24 13.88
CA LEU A 256 -8.82 5.65 13.80
C LEU A 256 -8.66 6.26 15.21
N VAL A 257 -7.66 5.73 15.89
CA VAL A 257 -7.38 6.00 17.31
C VAL A 257 -5.98 6.60 17.35
N LYS A 258 -5.84 7.78 17.97
CA LYS A 258 -4.54 8.46 17.93
C LYS A 258 -3.43 7.66 18.63
N ASP A 259 -3.70 7.14 19.82
CA ASP A 259 -2.68 6.40 20.56
C ASP A 259 -2.46 5.05 19.88
N PRO A 260 -1.27 4.78 19.32
CA PRO A 260 -1.08 3.52 18.60
C PRO A 260 -1.25 2.31 19.48
N LYS A 261 -1.00 2.46 20.79
CA LYS A 261 -1.13 1.34 21.71
C LYS A 261 -2.58 0.96 21.94
N LYS A 262 -3.53 1.87 21.72
CA LYS A 262 -4.94 1.56 21.92
C LYS A 262 -5.65 1.17 20.62
N ARG A 263 -4.98 1.31 19.49
CA ARG A 263 -5.55 0.98 18.19
C ARG A 263 -5.66 -0.54 18.03
N MET A 264 -6.67 -0.99 17.28
CA MET A 264 -6.74 -2.42 17.00
C MET A 264 -5.50 -2.86 16.24
N THR A 265 -4.97 -4.03 16.60
CA THR A 265 -3.92 -4.66 15.81
C THR A 265 -4.52 -5.46 14.65
N ILE A 266 -3.66 -6.02 13.80
CA ILE A 266 -4.17 -6.83 12.68
C ILE A 266 -4.93 -8.04 13.23
N GLN A 267 -4.41 -8.68 14.29
CA GLN A 267 -5.18 -9.78 14.86
C GLN A 267 -6.51 -9.32 15.44
N ASP A 268 -6.51 -8.17 16.13
CA ASP A 268 -7.79 -7.63 16.62
C ASP A 268 -8.76 -7.43 15.48
N SER A 269 -8.28 -6.89 14.35
CA SER A 269 -9.18 -6.58 13.25
C SER A 269 -9.83 -7.83 12.67
N LEU A 270 -9.10 -8.96 12.65
CA LEU A 270 -9.65 -10.21 12.13
C LEU A 270 -10.63 -10.87 13.09
N GLN A 271 -10.53 -10.59 14.38
CA GLN A 271 -11.46 -11.09 15.38
C GLN A 271 -12.64 -10.15 15.62
N HIS A 272 -12.61 -8.94 15.07
CA HIS A 272 -13.69 -8.00 15.29
C HIS A 272 -14.99 -8.56 14.73
N PRO A 273 -16.12 -8.37 15.43
CA PRO A 273 -17.38 -9.00 15.00
C PRO A 273 -17.86 -8.62 13.59
N TRP A 274 -17.44 -7.48 13.05
CA TRP A 274 -17.81 -7.15 11.67
C TRP A 274 -17.10 -8.06 10.68
N ILE A 275 -15.91 -8.56 11.04
CA ILE A 275 -15.07 -9.35 10.14
C ILE A 275 -15.16 -10.85 10.44
N LYS A 276 -15.12 -11.22 11.71
CA LYS A 276 -15.03 -12.63 12.10
C LYS A 276 -16.24 -13.40 11.60
N PRO A 277 -16.05 -14.52 10.90
CA PRO A 277 -17.19 -15.28 10.38
C PRO A 277 -17.80 -16.19 11.45
C13 A1L2W B . 1.69 -3.94 -11.19
C15 A1L2W B . 0.80 -3.08 -11.83
C01 A1L2W B . 3.84 3.16 -8.90
C02 A1L2W B . 4.62 2.34 -8.07
C03 A1L2W B . 4.15 4.52 -9.02
C04 A1L2W B . 5.69 2.89 -7.35
C05 A1L2W B . 5.21 5.07 -8.30
C06 A1L2W B . 5.98 4.25 -7.46
C07 A1L2W B . 2.66 2.54 -9.69
C08 A1L2W B . 2.24 1.12 -9.29
C09 A1L2W B . 2.10 0.23 -10.28
C11 A1L2W B . 1.84 -1.23 -10.68
C12 A1L2W B . 2.61 -3.45 -10.32
C14 A1L2W B . 2.72 -2.11 -10.05
C16 A1L2W B . 0.88 -1.70 -11.58
O10 A1L2W B . 2.09 3.13 -10.56
O17 A1L2W B . 3.37 5.32 -9.85
O18 A1L2W B . 7.06 4.79 -6.73
O19 A1L2W B . 1.71 -5.33 -11.36
BR1 A1L2W B . 3.81 -4.69 -9.45
S SO4 C . -21.90 8.19 14.89
O1 SO4 C . -22.92 8.89 15.74
O2 SO4 C . -22.25 8.32 13.43
O3 SO4 C . -20.55 8.78 15.18
O4 SO4 C . -21.87 6.72 15.25
#